data_3REZ
#
_entry.id   3REZ
#
_cell.length_a   72.010
_cell.length_b   72.010
_cell.length_c   171.731
_cell.angle_alpha   90.00
_cell.angle_beta   90.00
_cell.angle_gamma   120.00
#
_symmetry.space_group_name_H-M   'P 31 2 1'
#
loop_
_entity.id
_entity.type
_entity.pdbx_description
1 polymer 'Platelet glycoprotein Ib beta chain, Platelet glycoprotein IX'
2 non-polymer 2-acetamido-2-deoxy-beta-D-glucopyranose
3 non-polymer DI(HYDROXYETHYL)ETHER
4 non-polymer beta-L-fucopyranose
5 non-polymer alpha-D-mannopyranose
6 water water
#
_entity_poly.entity_id   1
_entity_poly.type   'polypeptide(L)'
_entity_poly.pdbx_seq_one_letter_code
;ADPCPAPCSCAGTLVDCGRRGLTALPALPARTTELVLTGNNLTSVPPGAFDHLPQLRTAHLGANPWRCDCSLTYLRLWLE
DRPERAPYRDLRCVAPPALRGRLLPYLAEDELRAACAPGPLSSHHHHHH
;
_entity_poly.pdbx_strand_id   A,B,C,D
#
loop_
_chem_comp.id
_chem_comp.type
_chem_comp.name
_chem_comp.formula
FUL L-saccharide, beta linking beta-L-fucopyranose 'C6 H12 O5'
MAN D-saccharide, alpha linking alpha-D-mannopyranose 'C6 H12 O6'
NAG D-saccharide, beta linking 2-acetamido-2-deoxy-beta-D-glucopyranose 'C8 H15 N O6'
PEG non-polymer DI(HYDROXYETHYL)ETHER 'C4 H10 O3'
#
# COMPACT_ATOMS: atom_id res chain seq x y z
N PRO A 3 32.23 4.05 15.93
CA PRO A 3 32.55 3.30 14.71
C PRO A 3 31.61 3.66 13.57
N CYS A 4 32.13 4.40 12.58
CA CYS A 4 31.34 4.85 11.44
C CYS A 4 31.61 3.97 10.22
N PRO A 5 30.54 3.52 9.53
CA PRO A 5 30.66 2.64 8.36
C PRO A 5 31.56 3.22 7.26
N ALA A 6 32.46 2.36 6.74
CA ALA A 6 33.60 2.77 5.89
C ALA A 6 33.34 3.77 4.76
N PRO A 7 32.34 3.52 3.88
CA PRO A 7 32.15 4.50 2.80
C PRO A 7 31.42 5.78 3.24
N CYS A 8 30.80 5.74 4.42
CA CYS A 8 29.92 6.82 4.86
C CYS A 8 30.58 7.84 5.79
N SER A 9 29.85 8.91 6.08
CA SER A 9 30.30 9.96 6.99
C SER A 9 29.34 10.08 8.17
N CYS A 10 29.87 10.42 9.35
CA CYS A 10 29.06 10.49 10.57
C CYS A 10 29.19 11.82 11.31
N ALA A 11 28.09 12.25 11.92
CA ALA A 11 28.05 13.44 12.76
C ALA A 11 26.97 13.23 13.82
N GLY A 12 27.40 13.01 15.05
CA GLY A 12 26.49 12.68 16.15
C GLY A 12 25.86 11.31 15.90
N THR A 13 24.53 11.28 15.88
CA THR A 13 23.81 10.04 15.60
C THR A 13 23.32 9.96 14.14
N LEU A 14 23.82 10.88 13.30
CA LEU A 14 23.48 10.91 11.88
C LEU A 14 24.55 10.21 11.04
N VAL A 15 24.11 9.36 10.12
CA VAL A 15 25.01 8.64 9.24
C VAL A 15 24.69 9.01 7.79
N ASP A 16 25.62 9.66 7.13
CA ASP A 16 25.43 10.13 5.76
C ASP A 16 26.11 9.20 4.76
N CYS A 17 25.28 8.49 4.00
CA CYS A 17 25.76 7.60 2.95
C CYS A 17 25.28 8.09 1.59
N GLY A 18 25.01 9.39 1.52
CA GLY A 18 24.54 10.02 0.30
C GLY A 18 25.54 9.90 -0.83
N ARG A 19 25.08 9.31 -1.94
CA ARG A 19 25.85 9.19 -3.17
C ARG A 19 27.20 8.46 -3.01
N ARG A 20 27.19 7.32 -2.32
CA ARG A 20 28.39 6.50 -2.17
C ARG A 20 28.31 5.25 -3.05
N GLY A 21 27.35 5.26 -3.99
CA GLY A 21 27.14 4.16 -4.92
C GLY A 21 26.83 2.83 -4.28
N LEU A 22 26.12 2.86 -3.15
CA LEU A 22 25.83 1.65 -2.39
C LEU A 22 24.74 0.81 -3.05
N THR A 23 24.97 -0.50 -3.08
CA THR A 23 23.97 -1.47 -3.57
C THR A 23 23.32 -2.22 -2.40
N ALA A 24 23.93 -2.11 -1.22
CA ALA A 24 23.38 -2.69 -0.01
C ALA A 24 23.63 -1.78 1.18
N LEU A 25 22.95 -2.04 2.29
CA LEU A 25 23.18 -1.30 3.51
C LEU A 25 24.51 -1.71 4.14
N PRO A 26 25.30 -0.73 4.60
CA PRO A 26 26.44 -1.06 5.45
C PRO A 26 25.96 -1.44 6.85
N ALA A 27 26.88 -1.91 7.69
CA ALA A 27 26.55 -2.17 9.09
C ALA A 27 26.43 -0.83 9.82
N LEU A 28 25.27 -0.60 10.43
CA LEU A 28 24.99 0.68 11.09
C LEU A 28 25.06 0.59 12.62
N PRO A 29 25.63 1.62 13.27
CA PRO A 29 25.62 1.71 14.73
C PRO A 29 24.19 1.71 15.28
N ALA A 30 23.98 1.01 16.38
CA ALA A 30 22.64 0.80 16.95
C ALA A 30 21.96 2.08 17.42
N ARG A 31 22.75 3.15 17.57
CA ARG A 31 22.28 4.42 18.11
C ARG A 31 21.85 5.42 17.03
N THR A 32 21.97 5.02 15.76
CA THR A 32 21.67 5.89 14.62
C THR A 32 20.25 6.45 14.70
N THR A 33 20.12 7.77 14.56
CA THR A 33 18.81 8.43 14.60
C THR A 33 18.39 8.94 13.23
N GLU A 34 19.35 9.10 12.33
CA GLU A 34 19.07 9.53 10.98
C GLU A 34 20.00 8.87 9.97
N LEU A 35 19.45 8.51 8.83
CA LEU A 35 20.18 7.79 7.80
C LEU A 35 19.98 8.46 6.44
N VAL A 36 21.08 8.95 5.86
CA VAL A 36 21.02 9.55 4.53
C VAL A 36 21.44 8.53 3.48
N LEU A 37 20.47 8.04 2.72
CA LEU A 37 20.74 7.07 1.65
C LEU A 37 20.44 7.61 0.24
N THR A 38 20.17 8.92 0.17
CA THR A 38 19.90 9.62 -1.09
C THR A 38 20.99 9.44 -2.15
N GLY A 39 20.58 9.03 -3.35
CA GLY A 39 21.46 9.02 -4.52
C GLY A 39 22.40 7.83 -4.61
N ASN A 40 21.97 6.69 -4.10
CA ASN A 40 22.75 5.45 -4.21
C ASN A 40 22.18 4.52 -5.29
N ASN A 41 22.45 3.22 -5.15
CA ASN A 41 22.01 2.22 -6.12
C ASN A 41 21.14 1.11 -5.54
N LEU A 42 20.37 1.46 -4.50
CA LEU A 42 19.54 0.47 -3.81
C LEU A 42 18.26 0.17 -4.57
N THR A 43 17.91 -1.11 -4.67
CA THR A 43 16.69 -1.53 -5.36
C THR A 43 15.59 -1.91 -4.37
N SER A 44 16.02 -2.30 -3.17
CA SER A 44 15.14 -2.55 -2.02
C SER A 44 15.99 -2.63 -0.74
N VAL A 45 15.32 -2.75 0.41
CA VAL A 45 16.00 -3.12 1.65
C VAL A 45 15.36 -4.41 2.20
N PRO A 46 16.16 -5.30 2.81
CA PRO A 46 15.60 -6.58 3.26
C PRO A 46 14.60 -6.37 4.39
N PRO A 47 13.62 -7.29 4.51
CA PRO A 47 12.68 -7.20 5.63
C PRO A 47 13.42 -7.05 6.97
N GLY A 48 13.05 -6.03 7.74
CA GLY A 48 13.66 -5.78 9.04
C GLY A 48 15.01 -5.09 9.01
N ALA A 49 15.31 -4.39 7.91
CA ALA A 49 16.62 -3.74 7.75
C ALA A 49 16.93 -2.69 8.83
N PHE A 50 15.90 -2.02 9.34
CA PHE A 50 16.07 -1.01 10.37
C PHE A 50 15.63 -1.51 11.75
N ASP A 51 15.41 -2.82 11.89
CA ASP A 51 14.88 -3.38 13.13
C ASP A 51 15.82 -3.27 14.32
N HIS A 52 17.12 -3.21 14.06
CA HIS A 52 18.15 -3.10 15.10
CA HIS A 52 18.08 -3.08 15.16
C HIS A 52 18.61 -1.66 15.30
N LEU A 53 17.84 -0.72 14.75
CA LEU A 53 18.09 0.71 14.88
C LEU A 53 16.88 1.33 15.55
N PRO A 54 16.70 1.04 16.86
CA PRO A 54 15.42 1.39 17.52
C PRO A 54 15.15 2.90 17.59
N GLN A 55 16.20 3.72 17.50
CA GLN A 55 16.06 5.18 17.61
C GLN A 55 16.05 5.87 16.25
N LEU A 56 15.98 5.10 15.16
CA LEU A 56 15.94 5.70 13.83
C LEU A 56 14.65 6.45 13.66
N ARG A 57 14.77 7.75 13.42
CA ARG A 57 13.65 8.67 13.28
C ARG A 57 13.42 9.09 11.84
N THR A 58 14.51 9.18 11.06
CA THR A 58 14.46 9.70 9.71
C THR A 58 15.34 8.90 8.76
N ALA A 59 14.80 8.53 7.61
CA ALA A 59 15.57 7.91 6.54
C ALA A 59 15.31 8.62 5.21
N HIS A 60 16.37 9.19 4.64
CA HIS A 60 16.31 9.84 3.33
C HIS A 60 16.60 8.81 2.25
N LEU A 61 15.63 8.57 1.38
CA LEU A 61 15.68 7.40 0.49
C LEU A 61 15.50 7.70 -1.00
N GLY A 62 15.35 8.99 -1.34
CA GLY A 62 15.15 9.43 -2.72
C GLY A 62 16.34 9.18 -3.63
N ALA A 63 16.12 9.27 -4.94
CA ALA A 63 17.14 9.03 -5.97
C ALA A 63 17.84 7.66 -5.86
N ASN A 64 17.05 6.63 -5.63
CA ASN A 64 17.51 5.24 -5.68
C ASN A 64 16.66 4.51 -6.71
N PRO A 65 17.23 3.49 -7.37
CA PRO A 65 16.45 2.73 -8.36
C PRO A 65 15.52 1.69 -7.72
N TRP A 66 14.50 2.14 -7.01
CA TRP A 66 13.60 1.23 -6.30
C TRP A 66 12.83 0.30 -7.24
N ARG A 67 12.89 -0.99 -6.95
CA ARG A 67 12.01 -1.96 -7.58
C ARG A 67 10.77 -2.11 -6.71
N CYS A 68 9.63 -1.69 -7.25
CA CYS A 68 8.38 -1.73 -6.54
C CYS A 68 7.68 -3.08 -6.71
N ASP A 69 8.12 -4.03 -5.91
CA ASP A 69 7.49 -5.35 -5.87
C ASP A 69 7.30 -5.77 -4.41
N CYS A 70 7.05 -7.06 -4.20
CA CYS A 70 6.75 -7.60 -2.88
C CYS A 70 7.90 -7.47 -1.87
N SER A 71 9.12 -7.27 -2.38
CA SER A 71 10.30 -7.05 -1.53
C SER A 71 10.32 -5.65 -0.91
N LEU A 72 9.42 -4.78 -1.38
CA LEU A 72 9.37 -3.41 -0.88
C LEU A 72 8.26 -3.24 0.15
N THR A 73 7.57 -4.33 0.47
CA THR A 73 6.49 -4.34 1.46
C THR A 73 6.98 -3.77 2.81
N TYR A 74 8.10 -4.27 3.31
CA TYR A 74 8.67 -3.80 4.58
C TYR A 74 8.96 -2.30 4.60
N LEU A 75 9.71 -1.83 3.59
CA LEU A 75 10.05 -0.42 3.51
C LEU A 75 8.82 0.48 3.51
N ARG A 76 7.82 0.13 2.70
CA ARG A 76 6.56 0.85 2.66
C ARG A 76 5.86 0.90 4.02
N LEU A 77 5.76 -0.25 4.68
CA LEU A 77 5.23 -0.31 6.05
C LEU A 77 5.97 0.59 7.04
N TRP A 78 7.30 0.67 6.91
CA TRP A 78 8.10 1.55 7.77
C TRP A 78 7.78 3.02 7.50
N LEU A 79 7.77 3.40 6.22
CA LEU A 79 7.49 4.78 5.81
C LEU A 79 6.07 5.25 6.14
N GLU A 80 5.12 4.32 6.19
CA GLU A 80 3.69 4.64 6.37
C GLU A 80 3.19 4.62 7.82
N ASP A 81 4.01 4.14 8.74
CA ASP A 81 3.56 3.86 10.11
C ASP A 81 3.09 5.09 10.91
N ARG A 82 3.85 6.19 10.81
CA ARG A 82 3.59 7.37 11.61
C ARG A 82 3.80 8.66 10.79
N PRO A 83 3.08 9.74 11.15
CA PRO A 83 3.06 11.01 10.40
C PRO A 83 4.42 11.67 10.14
N GLU A 84 5.36 11.59 11.08
CA GLU A 84 6.66 12.28 10.96
C GLU A 84 7.53 11.74 9.80
N ARG A 85 7.14 10.58 9.27
CA ARG A 85 7.83 9.97 8.14
C ARG A 85 7.23 10.36 6.77
N ALA A 86 6.10 11.07 6.81
CA ALA A 86 5.40 11.51 5.59
C ALA A 86 6.25 12.27 4.57
N PRO A 87 7.12 13.20 5.02
CA PRO A 87 7.92 13.94 4.03
C PRO A 87 8.99 13.11 3.29
N TYR A 88 9.25 11.88 3.75
CA TYR A 88 10.33 11.06 3.20
C TYR A 88 9.75 9.79 2.55
N ARG A 89 8.43 9.77 2.46
CA ARG A 89 7.62 8.61 2.14
C ARG A 89 7.42 8.37 0.63
N ASP A 90 7.51 9.45 -0.15
CA ASP A 90 7.17 9.43 -1.58
C ASP A 90 8.29 8.87 -2.47
N LEU A 91 8.55 7.58 -2.36
CA LEU A 91 9.58 6.93 -3.16
C LEU A 91 9.07 6.65 -4.57
N ARG A 92 9.92 6.90 -5.55
CA ARG A 92 9.57 6.71 -6.96
C ARG A 92 10.11 5.37 -7.49
N CYS A 93 9.20 4.57 -8.02
CA CYS A 93 9.55 3.30 -8.66
C CYS A 93 10.26 3.56 -9.98
N VAL A 94 11.29 2.78 -10.27
CA VAL A 94 11.91 2.79 -11.60
C VAL A 94 11.71 1.43 -12.26
N ALA A 95 11.23 0.48 -11.46
CA ALA A 95 11.03 -0.90 -11.86
C ALA A 95 9.90 -1.53 -11.03
N PRO A 96 9.11 -2.44 -11.63
CA PRO A 96 9.15 -2.90 -13.03
C PRO A 96 8.73 -1.78 -14.00
N PRO A 97 8.94 -1.97 -15.31
CA PRO A 97 8.51 -0.97 -16.30
C PRO A 97 7.03 -0.59 -16.19
N ALA A 98 6.20 -1.53 -15.73
CA ALA A 98 4.77 -1.30 -15.53
C ALA A 98 4.47 -0.23 -14.47
N LEU A 99 5.39 -0.07 -13.52
CA LEU A 99 5.19 0.85 -12.41
C LEU A 99 6.24 1.97 -12.40
N ARG A 100 6.94 2.12 -13.52
CA ARG A 100 8.01 3.11 -13.64
C ARG A 100 7.47 4.52 -13.53
N GLY A 101 7.96 5.25 -12.54
CA GLY A 101 7.57 6.65 -12.31
C GLY A 101 6.49 6.82 -11.27
N ARG A 102 5.92 5.71 -10.81
CA ARG A 102 4.86 5.73 -9.80
C ARG A 102 5.43 5.96 -8.40
N LEU A 103 4.61 6.55 -7.53
CA LEU A 103 5.01 6.79 -6.15
C LEU A 103 4.46 5.71 -5.25
N LEU A 104 5.32 5.22 -4.36
CA LEU A 104 5.05 4.05 -3.51
C LEU A 104 3.79 4.11 -2.64
N PRO A 105 3.53 5.26 -1.98
CA PRO A 105 2.39 5.36 -1.05
C PRO A 105 1.01 5.12 -1.66
N TYR A 106 0.87 5.28 -2.96
CA TYR A 106 -0.46 5.29 -3.60
C TYR A 106 -0.67 4.11 -4.57
N LEU A 107 0.19 3.12 -4.47
CA LEU A 107 0.02 1.86 -5.16
C LEU A 107 -0.98 1.02 -4.40
N ALA A 108 -2.02 0.57 -5.10
CA ALA A 108 -3.00 -0.35 -4.54
C ALA A 108 -2.34 -1.72 -4.39
N GLU A 109 -2.66 -2.41 -3.29
CA GLU A 109 -2.11 -3.76 -3.03
C GLU A 109 -2.13 -4.63 -4.28
N ASP A 110 -3.21 -4.51 -5.06
CA ASP A 110 -3.36 -5.11 -6.39
C ASP A 110 -2.06 -5.02 -7.23
N GLU A 111 -1.50 -3.82 -7.31
CA GLU A 111 -0.31 -3.55 -8.11
C GLU A 111 1.00 -4.08 -7.49
N LEU A 112 1.02 -4.20 -6.17
CA LEU A 112 2.22 -4.66 -5.46
C LEU A 112 2.27 -6.16 -5.17
N ARG A 113 1.10 -6.78 -5.01
CA ARG A 113 1.00 -8.19 -4.64
C ARG A 113 1.65 -9.13 -5.65
N ALA A 114 1.34 -8.93 -6.92
CA ALA A 114 1.89 -9.74 -8.01
C ALA A 114 2.29 -8.88 -9.21
N CYS A 116 5.35 -8.58 -8.17
CA CYS A 116 6.41 -9.47 -7.74
C CYS A 116 6.30 -10.84 -8.42
N PRO B 3 0.85 -30.95 -8.98
CA PRO B 3 1.24 -29.73 -9.71
C PRO B 3 0.05 -28.86 -10.11
N CYS B 4 -1.16 -29.38 -9.95
CA CYS B 4 -2.38 -28.60 -10.22
C CYS B 4 -2.60 -27.56 -9.11
N PRO B 5 -2.72 -26.27 -9.50
CA PRO B 5 -2.89 -25.16 -8.53
C PRO B 5 -4.08 -25.39 -7.61
N ALA B 6 -3.86 -25.15 -6.31
CA ALA B 6 -4.79 -25.51 -5.23
C ALA B 6 -6.25 -25.04 -5.40
N PRO B 7 -6.46 -23.77 -5.82
CA PRO B 7 -7.85 -23.35 -6.02
C PRO B 7 -8.49 -23.96 -7.27
N CYS B 8 -7.65 -24.41 -8.21
CA CYS B 8 -8.13 -24.80 -9.53
C CYS B 8 -8.36 -26.31 -9.69
N SER B 9 -9.06 -26.67 -10.75
CA SER B 9 -9.33 -28.07 -11.08
C SER B 9 -8.68 -28.41 -12.42
N CYS B 10 -8.15 -29.64 -12.52
CA CYS B 10 -7.40 -30.06 -13.70
C CYS B 10 -7.95 -31.33 -14.37
N ALA B 11 -7.93 -31.33 -15.69
CA ALA B 11 -8.28 -32.51 -16.49
C ALA B 11 -7.37 -32.56 -17.71
N GLY B 12 -6.41 -33.47 -17.69
CA GLY B 12 -5.35 -33.52 -18.71
C GLY B 12 -4.50 -32.27 -18.60
N THR B 13 -4.35 -31.56 -19.73
CA THR B 13 -3.57 -30.33 -19.78
C THR B 13 -4.45 -29.08 -19.63
N LEU B 14 -5.75 -29.28 -19.41
CA LEU B 14 -6.67 -28.20 -19.13
C LEU B 14 -6.64 -27.87 -17.65
N VAL B 15 -6.57 -26.58 -17.34
CA VAL B 15 -6.61 -26.08 -15.96
C VAL B 15 -7.80 -25.14 -15.80
N ASP B 16 -8.77 -25.57 -14.99
CA ASP B 16 -10.00 -24.82 -14.75
C ASP B 16 -9.91 -24.02 -13.46
N CYS B 17 -9.78 -22.71 -13.60
CA CYS B 17 -9.75 -21.77 -12.46
C CYS B 17 -10.97 -20.86 -12.47
N GLY B 18 -12.00 -21.27 -13.21
CA GLY B 18 -13.22 -20.48 -13.36
C GLY B 18 -13.96 -20.37 -12.04
N ARG B 19 -14.37 -19.14 -11.70
CA ARG B 19 -15.18 -18.88 -10.51
C ARG B 19 -14.52 -19.31 -9.19
N ARG B 20 -13.20 -19.13 -9.10
CA ARG B 20 -12.47 -19.50 -7.88
C ARG B 20 -12.04 -18.28 -7.06
N GLY B 21 -12.60 -17.13 -7.39
CA GLY B 21 -12.32 -15.87 -6.68
C GLY B 21 -10.89 -15.39 -6.75
N LEU B 22 -10.23 -15.63 -7.88
CA LEU B 22 -8.83 -15.24 -8.03
C LEU B 22 -8.67 -13.75 -8.29
N THR B 23 -7.65 -13.15 -7.68
CA THR B 23 -7.30 -11.75 -7.91
C THR B 23 -5.97 -11.68 -8.64
N ALA B 24 -5.29 -12.82 -8.74
CA ALA B 24 -4.02 -12.93 -9.44
C ALA B 24 -3.91 -14.30 -10.10
N LEU B 25 -2.92 -14.47 -10.97
CA LEU B 25 -2.64 -15.76 -11.57
C LEU B 25 -1.89 -16.68 -10.61
N PRO B 26 -2.40 -17.90 -10.43
CA PRO B 26 -1.67 -18.89 -9.62
C PRO B 26 -0.56 -19.51 -10.46
N ALA B 27 0.39 -20.20 -9.80
CA ALA B 27 1.44 -20.93 -10.51
C ALA B 27 0.83 -22.03 -11.36
N LEU B 28 1.11 -21.99 -12.67
CA LEU B 28 0.52 -22.92 -13.62
C LEU B 28 1.53 -23.95 -14.14
N PRO B 29 1.07 -25.19 -14.39
CA PRO B 29 1.95 -26.22 -14.94
C PRO B 29 2.42 -25.87 -16.35
N ALA B 30 3.67 -26.19 -16.64
CA ALA B 30 4.32 -25.82 -17.91
C ALA B 30 3.67 -26.38 -19.17
N ARG B 31 2.99 -27.52 -19.05
CA ARG B 31 2.40 -28.19 -20.20
C ARG B 31 0.92 -27.81 -20.48
N THR B 32 0.42 -26.82 -19.73
CA THR B 32 -0.98 -26.34 -19.86
C THR B 32 -1.30 -25.91 -21.30
N THR B 33 -2.33 -26.51 -21.89
CA THR B 33 -2.82 -26.12 -23.22
C THR B 33 -4.05 -25.22 -23.16
N GLU B 34 -4.77 -25.27 -22.03
CA GLU B 34 -5.98 -24.48 -21.87
C GLU B 34 -6.19 -23.96 -20.46
N LEU B 35 -6.56 -22.68 -20.37
CA LEU B 35 -6.72 -22.00 -19.09
C LEU B 35 -8.10 -21.38 -18.98
N VAL B 36 -8.86 -21.79 -17.96
CA VAL B 36 -10.17 -21.21 -17.69
C VAL B 36 -10.03 -20.22 -16.55
N LEU B 37 -10.21 -18.94 -16.86
CA LEU B 37 -10.12 -17.89 -15.85
C LEU B 37 -11.42 -17.08 -15.77
N THR B 38 -12.46 -17.60 -16.43
CA THR B 38 -13.78 -16.96 -16.45
C THR B 38 -14.33 -16.72 -15.04
N GLY B 39 -14.87 -15.54 -14.82
CA GLY B 39 -15.61 -15.24 -13.59
C GLY B 39 -14.77 -15.11 -12.33
N ASN B 40 -13.66 -14.39 -12.43
CA ASN B 40 -12.82 -14.11 -11.26
C ASN B 40 -12.76 -12.61 -10.97
N ASN B 41 -11.68 -12.16 -10.32
CA ASN B 41 -11.47 -10.73 -10.07
C ASN B 41 -10.16 -10.15 -10.61
N LEU B 42 -9.72 -10.65 -11.76
CA LEU B 42 -8.50 -10.15 -12.38
C LEU B 42 -8.74 -8.80 -13.03
N THR B 43 -7.83 -7.85 -12.79
CA THR B 43 -7.93 -6.53 -13.40
C THR B 43 -6.94 -6.39 -14.57
N SER B 44 -5.90 -7.22 -14.52
CA SER B 44 -4.90 -7.33 -15.60
CA SER B 44 -4.86 -7.29 -15.56
C SER B 44 -4.09 -8.61 -15.42
N VAL B 45 -3.23 -8.89 -16.39
CA VAL B 45 -2.23 -9.95 -16.25
C VAL B 45 -0.88 -9.30 -16.52
N PRO B 46 0.13 -9.60 -15.68
CA PRO B 46 1.44 -8.96 -15.83
C PRO B 46 2.00 -9.23 -17.22
N PRO B 47 2.84 -8.31 -17.74
CA PRO B 47 3.47 -8.58 -19.03
C PRO B 47 4.19 -9.93 -18.99
N GLY B 48 3.99 -10.73 -20.04
CA GLY B 48 4.65 -12.05 -20.15
C GLY B 48 4.10 -13.14 -19.26
N ALA B 49 2.90 -12.93 -18.73
CA ALA B 49 2.26 -13.87 -17.79
C ALA B 49 2.12 -15.31 -18.32
N PHE B 50 1.95 -15.46 -19.63
CA PHE B 50 1.80 -16.78 -20.25
C PHE B 50 3.09 -17.30 -20.90
N ASP B 51 4.18 -16.53 -20.78
CA ASP B 51 5.45 -16.84 -21.44
C ASP B 51 6.02 -18.22 -21.08
N HIS B 52 5.82 -18.64 -19.84
CA HIS B 52 6.33 -19.94 -19.40
CA HIS B 52 6.31 -19.92 -19.34
C HIS B 52 5.33 -21.07 -19.63
N LEU B 53 4.34 -20.78 -20.49
CA LEU B 53 3.36 -21.77 -20.95
C LEU B 53 3.37 -21.80 -22.47
N PRO B 54 4.39 -22.43 -23.08
CA PRO B 54 4.53 -22.41 -24.55
C PRO B 54 3.44 -23.21 -25.31
N GLN B 55 2.77 -24.14 -24.62
CA GLN B 55 1.73 -24.96 -25.26
C GLN B 55 0.31 -24.36 -25.15
N LEU B 56 0.18 -23.20 -24.51
CA LEU B 56 -1.14 -22.63 -24.24
C LEU B 56 -1.86 -22.22 -25.53
N ARG B 57 -2.95 -22.92 -25.83
CA ARG B 57 -3.77 -22.67 -27.03
C ARG B 57 -4.87 -21.65 -26.77
N THR B 58 -5.59 -21.85 -25.66
CA THR B 58 -6.81 -21.11 -25.40
C THR B 58 -6.89 -20.64 -23.94
N ALA B 59 -7.26 -19.37 -23.78
CA ALA B 59 -7.50 -18.80 -22.47
C ALA B 59 -8.89 -18.18 -22.45
N HIS B 60 -9.72 -18.65 -21.51
CA HIS B 60 -11.04 -18.08 -21.26
C HIS B 60 -10.92 -16.96 -20.22
N LEU B 61 -11.28 -15.74 -20.61
CA LEU B 61 -10.98 -14.55 -19.80
C LEU B 61 -12.17 -13.64 -19.48
N GLY B 62 -13.36 -14.04 -19.93
CA GLY B 62 -14.58 -13.27 -19.70
C GLY B 62 -14.95 -13.12 -18.23
N ALA B 63 -15.93 -12.25 -17.96
CA ALA B 63 -16.42 -11.96 -16.61
C ALA B 63 -15.31 -11.69 -15.60
N ASN B 64 -14.45 -10.73 -15.93
CA ASN B 64 -13.43 -10.21 -15.03
C ASN B 64 -13.45 -8.69 -15.08
N PRO B 65 -13.15 -8.03 -13.94
CA PRO B 65 -13.13 -6.57 -13.92
C PRO B 65 -11.86 -5.99 -14.58
N TRP B 66 -11.76 -6.14 -15.89
CA TRP B 66 -10.59 -5.70 -16.65
C TRP B 66 -10.39 -4.19 -16.67
N ARG B 67 -9.20 -3.76 -16.28
CA ARG B 67 -8.78 -2.37 -16.41
CA ARG B 67 -8.78 -2.38 -16.40
C ARG B 67 -8.06 -2.20 -17.73
N CYS B 68 -8.67 -1.46 -18.65
CA CYS B 68 -8.10 -1.26 -19.98
C CYS B 68 -7.20 -0.03 -20.07
N ASP B 69 -5.97 -0.19 -19.60
CA ASP B 69 -4.94 0.83 -19.74
C ASP B 69 -3.72 0.23 -20.43
N CYS B 70 -2.57 0.89 -20.27
CA CYS B 70 -1.33 0.49 -20.95
C CYS B 70 -0.70 -0.79 -20.40
N SER B 71 -1.15 -1.24 -19.23
CA SER B 71 -0.71 -2.52 -18.66
C SER B 71 -1.35 -3.72 -19.35
N LEU B 72 -2.44 -3.49 -20.07
CA LEU B 72 -3.17 -4.57 -20.75
C LEU B 72 -2.66 -4.78 -22.18
N THR B 73 -1.58 -4.09 -22.54
CA THR B 73 -0.96 -4.15 -23.86
C THR B 73 -0.53 -5.57 -24.24
N TYR B 74 0.11 -6.25 -23.29
CA TYR B 74 0.58 -7.62 -23.49
C TYR B 74 -0.55 -8.61 -23.72
N LEU B 75 -1.61 -8.51 -22.92
CA LEU B 75 -2.74 -9.42 -23.04
C LEU B 75 -3.41 -9.26 -24.40
N ARG B 76 -3.60 -8.00 -24.79
CA ARG B 76 -4.18 -7.65 -26.09
C ARG B 76 -3.40 -8.27 -27.26
N LEU B 77 -2.08 -8.12 -27.24
CA LEU B 77 -1.22 -8.71 -28.28
C LEU B 77 -1.33 -10.24 -28.30
N TRP B 78 -1.44 -10.83 -27.10
CA TRP B 78 -1.63 -12.27 -27.00
C TRP B 78 -2.94 -12.71 -27.68
N LEU B 79 -4.03 -12.03 -27.37
CA LEU B 79 -5.36 -12.36 -27.91
C LEU B 79 -5.50 -12.07 -29.40
N GLU B 80 -4.70 -11.12 -29.90
CA GLU B 80 -4.79 -10.66 -31.30
C GLU B 80 -3.82 -11.37 -32.24
N ASP B 81 -2.89 -12.14 -31.70
CA ASP B 81 -1.77 -12.67 -32.49
C ASP B 81 -2.18 -13.61 -33.62
N ARG B 82 -3.12 -14.50 -33.35
CA ARG B 82 -3.54 -15.53 -34.32
C ARG B 82 -5.06 -15.73 -34.31
N PRO B 83 -5.64 -16.18 -35.44
CA PRO B 83 -7.10 -16.23 -35.58
C PRO B 83 -7.82 -17.19 -34.63
N GLU B 84 -7.15 -18.25 -34.17
CA GLU B 84 -7.81 -19.23 -33.29
C GLU B 84 -8.18 -18.64 -31.91
N ARG B 85 -7.64 -17.46 -31.61
CA ARG B 85 -7.91 -16.76 -30.34
C ARG B 85 -9.05 -15.73 -30.47
N ALA B 86 -9.65 -15.65 -31.66
CA ALA B 86 -10.71 -14.67 -31.93
C ALA B 86 -11.98 -14.82 -31.06
N PRO B 87 -12.46 -16.06 -30.83
CA PRO B 87 -13.66 -16.18 -29.98
C PRO B 87 -13.46 -15.77 -28.50
N TYR B 88 -12.20 -15.64 -28.06
CA TYR B 88 -11.89 -15.37 -26.65
C TYR B 88 -11.30 -13.97 -26.43
N ARG B 89 -11.38 -13.18 -27.50
CA ARG B 89 -10.68 -11.91 -27.67
C ARG B 89 -11.43 -10.70 -27.10
N ASP B 90 -12.75 -10.82 -27.06
CA ASP B 90 -13.66 -9.70 -26.81
C ASP B 90 -13.84 -9.37 -25.33
N LEU B 91 -12.77 -8.95 -24.68
CA LEU B 91 -12.81 -8.61 -23.27
C LEU B 91 -13.47 -7.25 -23.06
N ARG B 92 -14.34 -7.18 -22.05
CA ARG B 92 -15.10 -5.97 -21.75
C ARG B 92 -14.42 -5.19 -20.63
N CYS B 93 -14.10 -3.92 -20.90
CA CYS B 93 -13.49 -3.05 -19.88
C CYS B 93 -14.52 -2.59 -18.84
N VAL B 94 -14.09 -2.48 -17.59
CA VAL B 94 -14.94 -1.90 -16.54
C VAL B 94 -14.29 -0.62 -15.99
N ALA B 95 -13.06 -0.37 -16.43
CA ALA B 95 -12.25 0.74 -15.94
C ALA B 95 -11.20 1.07 -16.99
N PRO B 96 -10.82 2.36 -17.12
CA PRO B 96 -11.32 3.55 -16.41
C PRO B 96 -12.70 3.97 -16.91
N PRO B 97 -13.38 4.90 -16.20
CA PRO B 97 -14.77 5.27 -16.50
C PRO B 97 -15.07 5.59 -17.96
N ALA B 98 -14.12 6.19 -18.66
CA ALA B 98 -14.29 6.54 -20.08
C ALA B 98 -14.45 5.31 -20.97
N LEU B 99 -13.78 4.22 -20.60
CA LEU B 99 -13.79 2.99 -21.40
C LEU B 99 -14.72 1.92 -20.84
N ARG B 100 -15.53 2.31 -19.86
CA ARG B 100 -16.50 1.41 -19.24
C ARG B 100 -17.45 0.79 -20.29
N GLY B 101 -17.43 -0.53 -20.38
CA GLY B 101 -18.30 -1.27 -21.30
C GLY B 101 -17.73 -1.49 -22.70
N ARG B 102 -16.54 -0.95 -22.94
CA ARG B 102 -15.89 -1.11 -24.24
C ARG B 102 -15.28 -2.50 -24.42
N LEU B 103 -15.19 -2.94 -25.67
CA LEU B 103 -14.50 -4.19 -26.00
C LEU B 103 -13.07 -3.91 -26.40
N LEU B 104 -12.14 -4.63 -25.78
CA LEU B 104 -10.69 -4.41 -25.93
C LEU B 104 -10.13 -4.42 -27.37
N PRO B 105 -10.59 -5.34 -28.23
CA PRO B 105 -10.00 -5.38 -29.57
C PRO B 105 -10.16 -4.09 -30.39
N TYR B 106 -11.20 -3.31 -30.09
CA TYR B 106 -11.59 -2.17 -30.91
C TYR B 106 -11.30 -0.83 -30.24
N LEU B 107 -10.44 -0.88 -29.23
CA LEU B 107 -9.87 0.31 -28.61
C LEU B 107 -8.71 0.79 -29.44
N ALA B 108 -8.73 2.07 -29.81
CA ALA B 108 -7.60 2.69 -30.50
C ALA B 108 -6.48 2.92 -29.49
N GLU B 109 -5.23 2.90 -29.95
CA GLU B 109 -4.07 3.13 -29.08
C GLU B 109 -4.17 4.45 -28.32
N ASP B 110 -4.77 5.45 -28.97
CA ASP B 110 -5.04 6.76 -28.36
C ASP B 110 -5.90 6.63 -27.10
N GLU B 111 -6.85 5.70 -27.12
CA GLU B 111 -7.75 5.48 -25.98
C GLU B 111 -7.07 4.70 -24.84
N LEU B 112 -6.19 3.77 -25.20
CA LEU B 112 -5.43 3.00 -24.22
C LEU B 112 -4.38 3.86 -23.51
N ARG B 113 -3.73 4.73 -24.27
CA ARG B 113 -2.73 5.65 -23.75
C ARG B 113 -3.35 7.02 -23.43
N ALA B 114 -4.58 6.99 -22.92
CA ALA B 114 -5.28 8.20 -22.46
C ALA B 114 -5.33 8.25 -20.94
N ALA B 115 -5.63 7.12 -20.32
CA ALA B 115 -5.63 7.01 -18.86
C ALA B 115 -4.22 6.70 -18.34
N CYS B 116 -3.61 5.65 -18.89
CA CYS B 116 -2.30 5.18 -18.43
C CYS B 116 -1.22 6.24 -18.63
C ASP C 2 5.59 26.48 -16.63
N PRO C 3 5.44 27.59 -17.38
CA PRO C 3 4.30 28.50 -17.33
C PRO C 3 2.95 27.82 -17.08
N CYS C 4 1.96 28.64 -16.73
CA CYS C 4 0.62 28.20 -16.35
C CYS C 4 -0.10 27.38 -17.43
N PRO C 5 -0.82 26.31 -17.03
CA PRO C 5 -1.69 25.58 -17.96
C PRO C 5 -2.74 26.52 -18.58
N ALA C 6 -2.99 26.34 -19.87
CA ALA C 6 -3.86 27.24 -20.63
C ALA C 6 -5.21 27.54 -19.98
N PRO C 7 -5.98 26.50 -19.58
CA PRO C 7 -7.32 26.77 -19.03
C PRO C 7 -7.32 27.46 -17.68
N CYS C 8 -6.20 27.41 -16.97
CA CYS C 8 -6.15 27.77 -15.55
C CYS C 8 -5.47 29.09 -15.25
N SER C 9 -5.52 29.48 -13.97
CA SER C 9 -4.90 30.71 -13.51
C SER C 9 -3.87 30.39 -12.42
N CYS C 10 -2.71 31.02 -12.51
CA CYS C 10 -1.63 30.73 -11.58
C CYS C 10 -1.19 31.94 -10.77
N ALA C 11 -0.79 31.68 -9.53
CA ALA C 11 -0.18 32.68 -8.67
C ALA C 11 0.82 31.92 -7.80
N GLY C 12 2.11 32.21 -7.98
CA GLY C 12 3.17 31.44 -7.34
C GLY C 12 3.12 29.98 -7.74
N THR C 13 3.11 29.09 -6.76
CA THR C 13 3.05 27.65 -7.03
C THR C 13 1.63 27.08 -6.91
N LEU C 14 0.65 27.96 -6.81
CA LEU C 14 -0.77 27.56 -6.81
C LEU C 14 -1.35 27.60 -8.22
N VAL C 15 -2.06 26.53 -8.59
CA VAL C 15 -2.73 26.45 -9.89
C VAL C 15 -4.24 26.42 -9.66
N ASP C 16 -4.93 27.42 -10.19
CA ASP C 16 -6.37 27.53 -10.04
C ASP C 16 -7.12 27.13 -11.31
N CYS C 17 -7.64 25.91 -11.31
CA CYS C 17 -8.49 25.43 -12.40
C CYS C 17 -9.94 25.34 -11.92
N GLY C 18 -10.28 26.19 -10.97
CA GLY C 18 -11.62 26.24 -10.39
C GLY C 18 -12.65 26.65 -11.42
N ARG C 19 -13.65 25.79 -11.60
CA ARG C 19 -14.77 26.02 -12.50
C ARG C 19 -14.37 26.33 -13.95
N ARG C 20 -13.42 25.56 -14.48
CA ARG C 20 -12.97 25.75 -15.86
C ARG C 20 -13.55 24.70 -16.80
N GLY C 21 -14.58 24.00 -16.33
CA GLY C 21 -15.27 22.97 -17.12
C GLY C 21 -14.40 21.82 -17.60
N LEU C 22 -13.43 21.42 -16.78
CA LEU C 22 -12.48 20.36 -17.14
C LEU C 22 -13.10 18.97 -17.06
N THR C 23 -12.83 18.15 -18.08
CA THR C 23 -13.24 16.74 -18.09
C THR C 23 -12.02 15.82 -17.90
N ALA C 24 -10.84 16.44 -17.84
CA ALA C 24 -9.59 15.75 -17.57
C ALA C 24 -8.59 16.74 -16.99
N LEU C 25 -7.49 16.23 -16.45
CA LEU C 25 -6.43 17.07 -15.91
C LEU C 25 -5.52 17.55 -17.03
N PRO C 26 -5.22 18.87 -17.06
CA PRO C 26 -4.23 19.38 -18.01
C PRO C 26 -2.82 19.03 -17.55
N ALA C 27 -1.82 19.34 -18.37
CA ALA C 27 -0.42 19.19 -17.97
C ALA C 27 -0.11 20.22 -16.89
N LEU C 28 0.44 19.76 -15.76
CA LEU C 28 0.74 20.65 -14.63
C LEU C 28 2.24 20.85 -14.48
N PRO C 29 2.65 22.07 -14.06
CA PRO C 29 4.06 22.34 -13.75
C PRO C 29 4.54 21.45 -12.62
N ALA C 30 5.82 21.12 -12.64
CA ALA C 30 6.39 20.17 -11.69
C ALA C 30 6.40 20.65 -10.24
N ARG C 31 6.38 21.97 -10.06
CA ARG C 31 6.52 22.58 -8.73
C ARG C 31 5.19 23.05 -8.12
N THR C 32 4.09 22.54 -8.66
CA THR C 32 2.76 22.84 -8.12
C THR C 32 2.67 22.40 -6.64
N THR C 33 2.27 23.33 -5.77
CA THR C 33 2.05 23.02 -4.36
C THR C 33 0.58 22.94 -4.01
N GLU C 34 -0.24 23.65 -4.77
CA GLU C 34 -1.68 23.60 -4.58
C GLU C 34 -2.43 23.60 -5.91
N LEU C 35 -3.46 22.77 -5.96
CA LEU C 35 -4.24 22.54 -7.15
C LEU C 35 -5.72 22.73 -6.85
N VAL C 36 -6.34 23.71 -7.51
CA VAL C 36 -7.75 23.97 -7.32
C VAL C 36 -8.53 23.38 -8.48
N LEU C 37 -9.30 22.33 -8.19
CA LEU C 37 -10.09 21.63 -9.18
C LEU C 37 -11.58 21.66 -8.85
N THR C 38 -11.95 22.52 -7.90
CA THR C 38 -13.34 22.70 -7.49
C THR C 38 -14.21 23.15 -8.67
N GLY C 39 -15.35 22.49 -8.84
CA GLY C 39 -16.36 22.92 -9.78
C GLY C 39 -16.12 22.57 -11.24
N ASN C 40 -15.48 21.44 -11.48
CA ASN C 40 -15.26 20.98 -12.85
C ASN C 40 -16.17 19.80 -13.25
N ASN C 41 -15.77 19.04 -14.27
CA ASN C 41 -16.56 17.91 -14.79
C ASN C 41 -15.83 16.57 -14.72
N LEU C 42 -14.96 16.41 -13.72
CA LEU C 42 -14.13 15.22 -13.56
C LEU C 42 -14.91 14.07 -12.93
N THR C 43 -14.76 12.89 -13.50
CA THR C 43 -15.41 11.69 -12.98
C THR C 43 -14.43 10.87 -12.14
N SER C 44 -13.17 10.85 -12.58
CA SER C 44 -12.08 10.27 -11.84
C SER C 44 -10.77 10.91 -12.26
N VAL C 45 -9.68 10.53 -11.60
CA VAL C 45 -8.34 10.86 -12.05
C VAL C 45 -7.58 9.55 -12.26
N PRO C 46 -6.67 9.52 -13.25
CA PRO C 46 -5.92 8.30 -13.55
C PRO C 46 -5.08 7.85 -12.35
N PRO C 47 -4.80 6.54 -12.22
CA PRO C 47 -3.86 6.11 -11.19
C PRO C 47 -2.50 6.77 -11.43
N GLY C 48 -1.96 7.39 -10.38
CA GLY C 48 -0.68 8.06 -10.47
C GLY C 48 -0.74 9.46 -11.07
N ALA C 49 -1.92 10.07 -11.07
CA ALA C 49 -2.10 11.40 -11.67
C ALA C 49 -1.21 12.48 -11.06
N PHE C 50 -0.92 12.36 -9.76
CA PHE C 50 -0.11 13.36 -9.05
C PHE C 50 1.32 12.88 -8.78
N ASP C 51 1.73 11.80 -9.42
CA ASP C 51 3.06 11.22 -9.19
C ASP C 51 4.22 12.12 -9.61
N HIS C 52 3.98 13.02 -10.56
CA HIS C 52 5.02 13.91 -11.03
C HIS C 52 4.87 15.33 -10.49
N LEU C 53 4.07 15.45 -9.42
CA LEU C 53 3.96 16.69 -8.64
C LEU C 53 4.43 16.41 -7.21
N PRO C 54 5.76 16.31 -6.99
CA PRO C 54 6.27 15.92 -5.67
C PRO C 54 6.01 16.96 -4.57
N GLN C 55 5.81 18.21 -4.95
CA GLN C 55 5.58 19.27 -3.96
C GLN C 55 4.10 19.55 -3.69
N LEU C 56 3.21 18.79 -4.33
CA LEU C 56 1.77 18.98 -4.15
C LEU C 56 1.36 18.69 -2.71
N ARG C 57 0.84 19.73 -2.05
CA ARG C 57 0.43 19.65 -0.65
C ARG C 57 -1.08 19.49 -0.53
N THR C 58 -1.81 20.29 -1.31
CA THR C 58 -3.26 20.36 -1.18
C THR C 58 -3.94 20.39 -2.56
N ALA C 59 -4.99 19.59 -2.69
CA ALA C 59 -5.85 19.61 -3.86
C ALA C 59 -7.27 19.84 -3.40
N HIS C 60 -7.94 20.82 -4.00
CA HIS C 60 -9.37 21.06 -3.74
C HIS C 60 -10.17 20.34 -4.83
N LEU C 61 -11.05 19.42 -4.42
CA LEU C 61 -11.69 18.50 -5.37
C LEU C 61 -13.23 18.42 -5.31
N GLY C 62 -13.85 19.27 -4.51
CA GLY C 62 -15.31 19.31 -4.37
C GLY C 62 -16.03 19.74 -5.65
N ALA C 63 -17.35 19.55 -5.67
CA ALA C 63 -18.21 19.89 -6.81
C ALA C 63 -17.71 19.34 -8.16
N ASN C 64 -17.51 18.02 -8.18
CA ASN C 64 -17.16 17.27 -9.39
C ASN C 64 -18.00 15.99 -9.45
N PRO C 65 -18.38 15.55 -10.66
CA PRO C 65 -19.21 14.34 -10.79
C PRO C 65 -18.43 13.04 -10.58
N TRP C 66 -17.87 12.87 -9.38
CA TRP C 66 -17.05 11.72 -9.04
C TRP C 66 -17.78 10.39 -9.18
N ARG C 67 -17.14 9.44 -9.88
CA ARG C 67 -17.61 8.08 -9.94
C ARG C 67 -16.88 7.26 -8.90
N CYS C 68 -17.61 6.80 -7.89
CA CYS C 68 -17.03 6.03 -6.81
C CYS C 68 -17.00 4.54 -7.14
N ASP C 69 -15.99 4.15 -7.90
CA ASP C 69 -15.75 2.76 -8.26
C ASP C 69 -14.25 2.44 -8.14
N CYS C 70 -13.84 1.30 -8.68
CA CYS C 70 -12.44 0.85 -8.58
C CYS C 70 -11.41 1.87 -9.10
N SER C 71 -11.83 2.75 -10.00
CA SER C 71 -10.95 3.74 -10.62
C SER C 71 -10.68 4.96 -9.76
N LEU C 72 -11.38 5.07 -8.63
CA LEU C 72 -11.19 6.20 -7.74
C LEU C 72 -10.36 5.81 -6.51
N THR C 73 -9.88 4.57 -6.50
CA THR C 73 -9.10 4.04 -5.36
C THR C 73 -7.76 4.76 -5.17
N TYR C 74 -7.11 5.14 -6.27
CA TYR C 74 -5.87 5.91 -6.21
C TYR C 74 -6.09 7.28 -5.55
N LEU C 75 -7.11 7.99 -5.99
CA LEU C 75 -7.39 9.32 -5.46
C LEU C 75 -7.72 9.24 -3.96
N ARG C 76 -8.49 8.23 -3.57
CA ARG C 76 -8.82 7.97 -2.18
C ARG C 76 -7.56 7.67 -1.36
N LEU C 77 -6.66 6.85 -1.92
CA LEU C 77 -5.36 6.55 -1.33
C LEU C 77 -4.55 7.83 -1.07
N TRP C 78 -4.49 8.70 -2.08
CA TRP C 78 -3.78 9.97 -1.98
C TRP C 78 -4.37 10.87 -0.90
N LEU C 79 -5.69 10.90 -0.83
CA LEU C 79 -6.42 11.76 0.11
C LEU C 79 -6.34 11.28 1.56
N GLU C 80 -6.13 9.98 1.76
CA GLU C 80 -6.11 9.33 3.08
C GLU C 80 -4.71 9.21 3.68
N ASP C 81 -3.68 9.45 2.87
CA ASP C 81 -2.29 9.15 3.24
C ASP C 81 -1.76 9.89 4.47
N ARG C 82 -2.06 11.18 4.59
CA ARG C 82 -1.56 12.01 5.70
C ARG C 82 -2.61 12.99 6.25
N PRO C 83 -2.54 13.31 7.56
CA PRO C 83 -3.50 14.17 8.26
C PRO C 83 -3.86 15.50 7.58
N GLU C 84 -2.87 16.19 7.00
CA GLU C 84 -3.11 17.52 6.42
C GLU C 84 -4.04 17.51 5.20
N ARG C 85 -4.37 16.31 4.70
CA ARG C 85 -5.28 16.17 3.55
C ARG C 85 -6.75 15.94 3.97
N ALA C 86 -6.96 15.75 5.27
CA ALA C 86 -8.29 15.49 5.83
C ALA C 86 -9.40 16.48 5.43
N PRO C 87 -9.13 17.80 5.48
CA PRO C 87 -10.17 18.77 5.11
C PRO C 87 -10.68 18.65 3.65
N TYR C 88 -9.86 18.08 2.76
CA TYR C 88 -10.15 18.02 1.33
C TYR C 88 -10.58 16.61 0.88
N ARG C 89 -10.74 15.74 1.87
CA ARG C 89 -10.89 14.30 1.72
C ARG C 89 -12.33 13.85 1.39
N ASP C 90 -13.31 14.64 1.82
CA ASP C 90 -14.72 14.23 1.82
C ASP C 90 -15.45 14.42 0.48
N LEU C 91 -14.97 13.74 -0.55
CA LEU C 91 -15.57 13.82 -1.89
C LEU C 91 -16.92 13.12 -1.97
N ARG C 92 -17.89 13.80 -2.58
CA ARG C 92 -19.24 13.23 -2.76
C ARG C 92 -19.39 12.50 -4.10
N CYS C 93 -19.83 11.24 -4.02
CA CYS C 93 -20.09 10.42 -5.19
C CYS C 93 -21.40 10.82 -5.85
N VAL C 94 -21.40 10.90 -7.18
CA VAL C 94 -22.65 11.09 -7.92
C VAL C 94 -23.03 9.83 -8.70
N ALA C 95 -22.08 8.90 -8.83
CA ALA C 95 -22.26 7.63 -9.52
C ALA C 95 -21.33 6.58 -8.90
N PRO C 96 -21.66 5.28 -9.04
CA PRO C 96 -22.89 4.70 -9.62
C PRO C 96 -24.10 5.00 -8.72
N PRO C 97 -25.33 4.75 -9.23
CA PRO C 97 -26.53 5.15 -8.50
C PRO C 97 -26.65 4.61 -7.07
N ALA C 98 -26.13 3.41 -6.83
CA ALA C 98 -26.17 2.79 -5.50
C ALA C 98 -25.34 3.56 -4.46
N LEU C 99 -24.33 4.29 -4.92
CA LEU C 99 -23.44 5.02 -4.02
C LEU C 99 -23.60 6.53 -4.16
N ARG C 100 -24.63 6.97 -4.86
CA ARG C 100 -24.85 8.39 -5.07
C ARG C 100 -25.12 9.10 -3.75
N GLY C 101 -24.42 10.21 -3.53
CA GLY C 101 -24.53 10.98 -2.30
C GLY C 101 -23.55 10.56 -1.22
N ARG C 102 -22.90 9.41 -1.40
CA ARG C 102 -21.98 8.86 -0.40
C ARG C 102 -20.64 9.58 -0.39
N LEU C 103 -20.06 9.73 0.80
CA LEU C 103 -18.73 10.33 0.94
C LEU C 103 -17.64 9.27 0.84
N LEU C 104 -16.61 9.59 0.05
CA LEU C 104 -15.57 8.62 -0.35
C LEU C 104 -14.73 8.01 0.78
N PRO C 105 -14.34 8.80 1.81
CA PRO C 105 -13.54 8.26 2.92
C PRO C 105 -14.20 7.10 3.67
N TYR C 106 -15.53 7.01 3.62
CA TYR C 106 -16.28 6.08 4.44
C TYR C 106 -16.89 4.93 3.61
N LEU C 107 -16.38 4.80 2.39
CA LEU C 107 -16.60 3.63 1.58
C LEU C 107 -15.40 2.71 1.81
N ALA C 108 -15.67 1.42 2.03
CA ALA C 108 -14.61 0.43 2.14
C ALA C 108 -14.02 0.19 0.76
N GLU C 109 -12.73 -0.15 0.70
CA GLU C 109 -12.08 -0.38 -0.60
C GLU C 109 -12.70 -1.55 -1.37
N ASP C 110 -13.30 -2.48 -0.65
CA ASP C 110 -14.09 -3.56 -1.27
C ASP C 110 -15.33 -3.01 -1.95
N GLU C 111 -15.99 -2.07 -1.27
CA GLU C 111 -17.22 -1.43 -1.77
C GLU C 111 -16.98 -0.78 -3.14
N LEU C 112 -15.81 -0.13 -3.30
CA LEU C 112 -15.42 0.50 -4.56
C LEU C 112 -15.10 -0.53 -5.65
N ARG C 113 -14.57 -1.69 -5.25
CA ARG C 113 -14.31 -2.77 -6.21
C ARG C 113 -15.61 -3.41 -6.70
N ALA C 114 -16.56 -3.62 -5.80
CA ALA C 114 -17.83 -4.25 -6.14
C ALA C 114 -18.64 -3.42 -7.14
N ALA C 115 -18.38 -2.10 -7.16
CA ALA C 115 -19.01 -1.19 -8.12
C ALA C 115 -18.38 -1.31 -9.52
N CYS C 116 -17.26 -2.03 -9.62
CA CYS C 116 -16.63 -2.32 -10.91
C CYS C 116 -16.94 -3.72 -11.47
N ALA C 117 -17.82 -4.47 -10.79
CA ALA C 117 -18.14 -5.83 -11.19
C ALA C 117 -18.79 -5.90 -12.58
N PRO C 118 -18.41 -6.90 -13.40
CA PRO C 118 -18.94 -7.10 -14.76
C PRO C 118 -20.47 -7.22 -14.82
N PRO D 3 -7.53 0.15 44.71
CA PRO D 3 -6.84 -1.04 45.20
C PRO D 3 -5.75 -1.49 44.23
N CYS D 4 -4.53 -1.01 44.45
CA CYS D 4 -3.40 -1.34 43.61
C CYS D 4 -3.18 -2.86 43.52
N PRO D 5 -3.11 -3.40 42.30
CA PRO D 5 -2.87 -4.84 42.08
C PRO D 5 -1.60 -5.31 42.79
N ALA D 6 -1.70 -6.44 43.49
CA ALA D 6 -0.65 -6.92 44.41
C ALA D 6 0.79 -6.88 43.88
N PRO D 7 1.06 -7.46 42.68
CA PRO D 7 2.44 -7.50 42.20
C PRO D 7 3.02 -6.13 41.88
N CYS D 8 2.14 -5.15 41.67
CA CYS D 8 2.54 -3.87 41.11
C CYS D 8 2.54 -2.74 42.12
N SER D 9 3.01 -1.58 41.67
CA SER D 9 3.11 -0.37 42.50
C SER D 9 2.37 0.76 41.80
N CYS D 10 1.67 1.58 42.59
CA CYS D 10 0.76 2.58 42.03
C CYS D 10 1.01 4.01 42.53
N ALA D 11 0.79 4.97 41.65
CA ALA D 11 0.90 6.39 41.98
C ALA D 11 -0.05 7.16 41.06
N GLY D 12 -1.01 7.86 41.67
CA GLY D 12 -2.07 8.50 40.91
C GLY D 12 -2.83 7.45 40.11
N THR D 13 -2.93 7.67 38.80
CA THR D 13 -3.58 6.70 37.91
C THR D 13 -2.55 5.81 37.17
N LEU D 14 -1.28 5.90 37.56
CA LEU D 14 -0.26 5.06 36.97
C LEU D 14 -0.12 3.75 37.74
N VAL D 15 -0.02 2.64 37.00
CA VAL D 15 0.22 1.32 37.56
C VAL D 15 1.54 0.83 37.00
N ASP D 16 2.51 0.61 37.90
CA ASP D 16 3.86 0.19 37.52
C ASP D 16 4.07 -1.27 37.89
N CYS D 17 4.06 -2.12 36.86
CA CYS D 17 4.30 -3.55 36.99
C CYS D 17 5.63 -3.87 36.34
N GLY D 18 6.50 -2.87 36.28
CA GLY D 18 7.81 -3.01 35.66
C GLY D 18 8.66 -4.06 36.33
N ARG D 19 9.04 -5.08 35.55
CA ARG D 19 9.97 -6.13 35.97
C ARG D 19 9.51 -6.94 37.19
N ARG D 20 8.24 -7.35 37.19
CA ARG D 20 7.70 -8.16 38.28
C ARG D 20 7.59 -9.66 37.95
N GLY D 21 8.08 -10.05 36.78
CA GLY D 21 8.07 -11.45 36.35
C GLY D 21 6.68 -11.96 35.96
N LEU D 22 5.83 -11.07 35.47
CA LEU D 22 4.45 -11.40 35.11
C LEU D 22 4.35 -12.18 33.81
N THR D 23 3.65 -13.32 33.86
CA THR D 23 3.36 -14.13 32.66
C THR D 23 1.93 -13.87 32.20
N ALA D 24 1.13 -13.28 33.10
CA ALA D 24 -0.23 -12.85 32.78
C ALA D 24 -0.51 -11.50 33.44
N LEU D 25 -1.45 -10.75 32.87
CA LEU D 25 -1.88 -9.46 33.43
C LEU D 25 -2.63 -9.64 34.75
N PRO D 26 -2.36 -8.76 35.74
CA PRO D 26 -3.14 -8.77 36.97
C PRO D 26 -4.47 -8.03 36.80
N ALA D 27 -5.28 -7.97 37.86
CA ALA D 27 -6.52 -7.21 37.83
C ALA D 27 -6.20 -5.73 37.92
N LEU D 28 -6.60 -4.97 36.90
CA LEU D 28 -6.25 -3.55 36.82
C LEU D 28 -7.43 -2.65 37.18
N PRO D 29 -7.16 -1.55 37.93
CA PRO D 29 -8.21 -0.61 38.31
C PRO D 29 -8.77 0.11 37.09
N ALA D 30 -10.10 0.34 37.10
CA ALA D 30 -10.81 0.87 35.96
C ALA D 30 -10.29 2.21 35.44
N ARG D 31 -9.70 3.01 36.34
CA ARG D 31 -9.30 4.36 35.97
C ARG D 31 -7.83 4.49 35.58
N THR D 32 -7.14 3.36 35.37
CA THR D 32 -5.74 3.37 34.97
C THR D 32 -5.52 4.19 33.69
N THR D 33 -4.63 5.18 33.76
CA THR D 33 -4.25 5.97 32.59
C THR D 33 -2.91 5.53 32.00
N GLU D 34 -2.03 4.99 32.83
CA GLU D 34 -0.75 4.47 32.35
C GLU D 34 -0.38 3.15 33.02
N LEU D 35 0.15 2.24 32.21
CA LEU D 35 0.48 0.90 32.64
C LEU D 35 1.89 0.53 32.19
N VAL D 36 2.76 0.27 33.15
CA VAL D 36 4.14 -0.11 32.87
C VAL D 36 4.25 -1.62 32.94
N LEU D 37 4.58 -2.23 31.81
CA LEU D 37 4.71 -3.69 31.74
C LEU D 37 6.08 -4.08 31.20
N THR D 38 6.98 -3.11 31.17
CA THR D 38 8.36 -3.30 30.74
C THR D 38 9.04 -4.38 31.60
N GLY D 39 9.73 -5.30 30.94
CA GLY D 39 10.59 -6.26 31.62
C GLY D 39 9.94 -7.43 32.34
N ASN D 40 8.79 -7.88 31.83
CA ASN D 40 8.12 -9.06 32.37
C ASN D 40 8.31 -10.28 31.45
N ASN D 41 7.55 -11.36 31.67
CA ASN D 41 7.64 -12.53 30.79
C ASN D 41 6.33 -12.76 29.97
N LEU D 42 5.74 -11.67 29.49
CA LEU D 42 4.51 -11.74 28.69
C LEU D 42 4.78 -12.20 27.26
N THR D 43 3.99 -13.17 26.80
CA THR D 43 4.09 -13.70 25.44
C THR D 43 3.07 -13.03 24.51
N SER D 44 1.95 -12.59 25.10
CA SER D 44 0.91 -11.83 24.42
C SER D 44 -0.07 -11.31 25.47
N VAL D 45 -1.08 -10.57 25.02
CA VAL D 45 -2.22 -10.25 25.86
C VAL D 45 -3.48 -10.71 25.14
N PRO D 46 -4.49 -11.21 25.89
CA PRO D 46 -5.71 -11.73 25.26
C PRO D 46 -6.44 -10.64 24.47
N PRO D 47 -7.27 -11.03 23.47
CA PRO D 47 -8.08 -10.04 22.78
C PRO D 47 -8.95 -9.27 23.77
N GLY D 48 -8.88 -7.94 23.73
CA GLY D 48 -9.68 -7.09 24.60
C GLY D 48 -9.08 -6.84 25.98
N ALA D 49 -7.83 -7.25 26.16
CA ALA D 49 -7.11 -7.06 27.43
C ALA D 49 -7.28 -5.68 28.08
N PHE D 50 -7.28 -4.62 27.26
CA PHE D 50 -7.39 -3.26 27.79
C PHE D 50 -8.79 -2.66 27.69
N ASP D 51 -9.77 -3.45 27.21
CA ASP D 51 -11.12 -2.95 26.93
C ASP D 51 -11.81 -2.27 28.11
N HIS D 52 -11.52 -2.73 29.32
CA HIS D 52 -12.15 -2.17 30.51
C HIS D 52 -11.26 -1.16 31.24
N LEU D 53 -10.28 -0.63 30.50
CA LEU D 53 -9.48 0.50 30.94
C LEU D 53 -9.71 1.67 29.98
N PRO D 54 -10.88 2.34 30.08
CA PRO D 54 -11.26 3.32 29.08
C PRO D 54 -10.38 4.58 29.04
N GLN D 55 -9.67 4.86 30.14
CA GLN D 55 -8.83 6.05 30.22
C GLN D 55 -7.34 5.76 29.97
N LEU D 56 -7.02 4.53 29.59
CA LEU D 56 -5.63 4.14 29.35
C LEU D 56 -5.04 4.92 28.17
N ARG D 57 -4.00 5.71 28.47
CA ARG D 57 -3.29 6.52 27.48
C ARG D 57 -2.04 5.82 26.97
N THR D 58 -1.30 5.21 27.89
CA THR D 58 0.06 4.76 27.63
C THR D 58 0.30 3.39 28.23
N ALA D 59 0.79 2.47 27.41
CA ALA D 59 1.26 1.19 27.89
C ALA D 59 2.70 0.99 27.45
N HIS D 60 3.57 0.72 28.42
CA HIS D 60 4.96 0.37 28.17
C HIS D 60 5.09 -1.15 28.09
N LEU D 61 5.57 -1.66 26.96
CA LEU D 61 5.52 -3.09 26.70
C LEU D 61 6.84 -3.74 26.26
N GLY D 62 7.93 -2.97 26.26
CA GLY D 62 9.25 -3.46 25.86
C GLY D 62 9.82 -4.54 26.78
N ALA D 63 10.88 -5.20 26.32
CA ALA D 63 11.56 -6.27 27.06
C ALA D 63 10.62 -7.34 27.63
N ASN D 64 9.68 -7.79 26.80
CA ASN D 64 8.84 -8.95 27.07
C ASN D 64 9.07 -9.97 25.94
N PRO D 65 9.04 -11.27 26.26
CA PRO D 65 9.26 -12.27 25.22
C PRO D 65 8.05 -12.46 24.29
N TRP D 66 7.81 -11.45 23.44
CA TRP D 66 6.63 -11.44 22.56
C TRP D 66 6.70 -12.52 21.49
N ARG D 67 5.62 -13.30 21.40
CA ARG D 67 5.44 -14.27 20.34
C ARG D 67 4.60 -13.61 19.25
N CYS D 68 5.19 -13.44 18.07
CA CYS D 68 4.52 -12.73 16.99
C CYS D 68 3.73 -13.67 16.08
N ASP D 69 2.51 -13.99 16.52
CA ASP D 69 1.54 -14.71 15.70
C ASP D 69 0.17 -14.04 15.78
N CYS D 70 -0.89 -14.81 15.51
CA CYS D 70 -2.25 -14.29 15.47
C CYS D 70 -2.77 -13.80 16.83
N SER D 71 -2.19 -14.32 17.90
CA SER D 71 -2.50 -13.89 19.27
C SER D 71 -2.08 -12.44 19.54
N LEU D 72 -1.17 -11.91 18.72
CA LEU D 72 -0.68 -10.54 18.93
C LEU D 72 -1.45 -9.50 18.10
N THR D 73 -2.46 -9.96 17.36
CA THR D 73 -3.29 -9.13 16.50
C THR D 73 -3.95 -7.97 17.25
N TYR D 74 -4.61 -8.27 18.36
CA TYR D 74 -5.25 -7.26 19.21
C TYR D 74 -4.25 -6.20 19.73
N LEU D 75 -3.14 -6.64 20.32
CA LEU D 75 -2.15 -5.72 20.85
C LEU D 75 -1.59 -4.80 19.75
N ARG D 76 -1.35 -5.37 18.57
CA ARG D 76 -0.86 -4.58 17.44
C ARG D 76 -1.83 -3.47 17.08
N LEU D 77 -3.11 -3.79 16.91
CA LEU D 77 -4.02 -2.75 16.47
C LEU D 77 -4.43 -1.74 17.57
N TRP D 78 -4.22 -2.10 18.84
CA TRP D 78 -4.32 -1.12 19.93
C TRP D 78 -3.19 -0.09 19.80
N LEU D 79 -1.98 -0.58 19.52
CA LEU D 79 -0.77 0.24 19.40
C LEU D 79 -0.74 1.10 18.14
N GLU D 80 -1.47 0.67 17.11
CA GLU D 80 -1.48 1.32 15.80
C GLU D 80 -2.68 2.23 15.60
N ASP D 81 -3.54 2.34 16.60
CA ASP D 81 -4.81 3.04 16.42
C ASP D 81 -4.70 4.58 16.34
N ARG D 82 -3.86 5.16 17.19
CA ARG D 82 -3.66 6.62 17.19
C ARG D 82 -2.17 6.98 17.36
N PRO D 83 -1.75 8.12 16.78
CA PRO D 83 -0.32 8.50 16.72
C PRO D 83 0.40 8.65 18.06
N GLU D 84 -0.34 9.03 19.11
CA GLU D 84 0.24 9.17 20.46
C GLU D 84 0.81 7.86 21.03
N ARG D 85 0.50 6.73 20.39
CA ARG D 85 1.03 5.43 20.82
C ARG D 85 2.29 4.98 20.07
N ALA D 86 2.71 5.79 19.09
CA ALA D 86 3.87 5.49 18.24
C ALA D 86 5.21 5.22 18.95
N PRO D 87 5.56 5.99 20.00
CA PRO D 87 6.82 5.67 20.72
C PRO D 87 6.83 4.31 21.45
N TYR D 88 5.65 3.71 21.65
CA TYR D 88 5.52 2.50 22.46
C TYR D 88 5.13 1.29 21.62
N ARG D 89 5.30 1.44 20.31
CA ARG D 89 4.68 0.60 19.30
C ARG D 89 5.64 -0.47 18.79
N ASP D 90 6.93 -0.19 18.85
CA ASP D 90 7.97 -1.04 18.28
C ASP D 90 8.34 -2.24 19.13
N LEU D 91 7.42 -3.20 19.25
CA LEU D 91 7.67 -4.39 20.06
C LEU D 91 8.53 -5.40 19.30
N ARG D 92 9.46 -6.04 20.02
CA ARG D 92 10.40 -6.98 19.40
C ARG D 92 9.97 -8.42 19.62
N CYS D 93 9.80 -9.14 18.51
CA CYS D 93 9.49 -10.57 18.54
C CYS D 93 10.72 -11.36 18.98
N VAL D 94 10.50 -12.32 19.87
CA VAL D 94 11.53 -13.30 20.22
C VAL D 94 11.15 -14.66 19.60
N ALA D 95 9.92 -14.75 19.11
CA ALA D 95 9.34 -15.98 18.57
C ALA D 95 8.24 -15.64 17.56
N PRO D 96 7.99 -16.53 16.58
CA PRO D 96 8.72 -17.77 16.25
C PRO D 96 10.08 -17.48 15.62
N PRO D 97 10.96 -18.50 15.52
CA PRO D 97 12.33 -18.34 15.02
C PRO D 97 12.53 -17.41 13.82
N ALA D 98 11.67 -17.52 12.81
CA ALA D 98 11.82 -16.70 11.60
C ALA D 98 11.58 -15.22 11.86
N LEU D 99 10.91 -14.89 12.95
CA LEU D 99 10.58 -13.50 13.25
C LEU D 99 11.33 -12.95 14.47
N ARG D 100 12.29 -13.73 14.99
CA ARG D 100 13.08 -13.30 16.13
C ARG D 100 13.89 -12.05 15.82
N GLY D 101 13.70 -11.01 16.61
CA GLY D 101 14.37 -9.73 16.40
C GLY D 101 13.58 -8.75 15.54
N ARG D 102 12.49 -9.21 14.92
CA ARG D 102 11.67 -8.33 14.09
C ARG D 102 10.80 -7.38 14.91
N LEU D 103 10.46 -6.22 14.34
CA LEU D 103 9.58 -5.25 14.98
C LEU D 103 8.13 -5.36 14.49
N LEU D 104 7.21 -5.46 15.44
CA LEU D 104 5.77 -5.69 15.16
C LEU D 104 5.11 -4.79 14.11
N PRO D 105 5.35 -3.45 14.16
CA PRO D 105 4.64 -2.55 13.24
C PRO D 105 4.88 -2.80 11.75
N TYR D 106 5.95 -3.52 11.42
CA TYR D 106 6.43 -3.61 10.04
C TYR D 106 6.37 -5.04 9.50
N LEU D 107 5.66 -5.90 10.21
CA LEU D 107 5.31 -7.23 9.73
C LEU D 107 4.13 -7.12 8.77
N ALA D 108 4.11 -7.98 7.76
CA ALA D 108 2.97 -8.07 6.84
C ALA D 108 1.97 -9.08 7.38
N GLU D 109 0.69 -8.92 7.03
CA GLU D 109 -0.35 -9.89 7.43
C GLU D 109 0.00 -11.29 6.91
N ASP D 110 0.76 -11.32 5.82
CA ASP D 110 1.38 -12.53 5.28
C ASP D 110 2.26 -13.23 6.32
N GLU D 111 2.86 -12.44 7.21
CA GLU D 111 3.77 -12.95 8.25
C GLU D 111 3.10 -13.15 9.60
N LEU D 112 2.10 -12.33 9.91
CA LEU D 112 1.48 -12.33 11.24
C LEU D 112 0.26 -13.25 11.37
N ARG D 113 -0.52 -13.37 10.29
CA ARG D 113 -1.70 -14.23 10.27
CA ARG D 113 -1.70 -14.23 10.27
C ARG D 113 -1.49 -15.43 9.35
C1 NAG E . 25.17 2.79 -9.83
C2 NAG E . 26.69 2.59 -9.84
C3 NAG E . 27.15 2.06 -11.21
C4 NAG E . 26.41 2.71 -12.38
C5 NAG E . 24.89 2.73 -12.16
C6 NAG E . 24.14 1.99 -13.27
C7 NAG E . 28.44 3.91 -8.71
C8 NAG E . 28.97 5.30 -8.42
N2 NAG E . 27.35 3.84 -9.47
O3 NAG E . 26.92 0.67 -11.24
O4 NAG E . 26.88 4.03 -12.58
O5 NAG E . 24.58 2.12 -10.93
O6 NAG E . 22.88 2.58 -13.50
O7 NAG E . 29.03 2.93 -8.24
C1 PEG F . 17.94 7.98 -9.50
O1 PEG F . 17.49 9.34 -9.41
C2 PEG F . 16.74 7.07 -9.74
O2 PEG F . 17.20 5.75 -10.07
C1 NAG G . -14.46 -12.06 -5.13
C2 NAG G . -15.95 -12.03 -5.54
C3 NAG G . -16.65 -10.81 -4.96
C4 NAG G . -15.70 -10.07 -4.02
C5 NAG G . -14.50 -9.65 -4.88
C6 NAG G . -13.62 -8.60 -4.22
C7 NAG G . -15.74 -12.90 -7.88
C8 NAG G . -16.22 -12.66 -9.28
N2 NAG G . -16.21 -12.03 -6.97
O3 NAG G . -17.83 -11.25 -4.32
O4 NAG G . -16.31 -8.96 -3.42
O5 NAG G . -13.77 -10.81 -5.22
O7 NAG G . -14.96 -13.82 -7.64
O2 PEG H . -6.14 -32.26 -22.04
C3 PEG H . -6.84 -31.05 -22.32
C4 PEG H . -8.33 -31.33 -22.37
O4 PEG H . -8.82 -31.61 -21.04
C1 FUL I . -12.70 -10.22 -1.23
C2 FUL I . -11.36 -10.57 -1.87
O2 FUL I . -11.06 -9.67 -2.93
C3 FUL I . -10.25 -10.52 -0.82
O3 FUL I . -9.01 -10.93 -1.37
C4 FUL I . -10.62 -11.37 0.39
O4 FUL I . -10.53 -12.74 0.04
C5 FUL I . -12.03 -11.01 0.89
C6 FUL I . -12.47 -11.89 2.06
O5 FUL I . -12.97 -11.10 -0.16
C1 NAG J . -17.64 -11.59 -1.73
C2 NAG J . -18.02 -10.48 -0.74
C3 NAG J . -17.28 -10.65 0.58
C4 NAG J . -17.13 -12.11 1.03
C5 NAG J . -16.86 -13.10 -0.12
C6 NAG J . -16.93 -14.57 0.33
C7 NAG J . -18.57 -8.13 -1.24
C8 NAG J . -18.08 -6.84 -1.80
N2 NAG J . -17.71 -9.16 -1.26
O3 NAG J . -17.99 -9.90 1.55
O4 NAG J . -16.08 -12.18 1.97
O5 NAG J . -17.79 -12.88 -1.17
O6 NAG J . -18.22 -14.91 0.80
O7 NAG J . -19.71 -8.20 -0.79
C1 MAN K . -19.09 -12.54 3.41
C2 MAN K . -18.63 -13.48 4.52
C3 MAN K . -19.45 -13.18 5.77
C4 MAN K . -19.37 -11.70 6.13
C5 MAN K . -19.67 -10.81 4.90
C6 MAN K . -19.40 -9.33 5.20
O2 MAN K . -17.25 -13.30 4.77
O3 MAN K . -18.99 -13.99 6.83
O4 MAN K . -20.26 -11.42 7.17
O5 MAN K . -18.87 -11.20 3.80
O6 MAN K . -20.46 -8.53 4.67
C1 NAG L . -20.30 19.44 -17.74
C2 NAG L . -21.29 20.43 -17.08
C3 NAG L . -22.68 20.58 -17.74
C4 NAG L . -22.73 20.09 -19.19
C5 NAG L . -22.04 18.73 -19.22
C6 NAG L . -22.32 17.93 -20.49
C7 NAG L . -22.43 20.05 -14.83
C8 NAG L . -22.13 19.58 -13.43
N2 NAG L . -21.37 20.05 -15.66
O3 NAG L . -23.11 21.92 -17.68
O4 NAG L . -24.07 20.05 -19.63
O5 NAG L . -20.67 19.00 -19.05
O6 NAG L . -21.19 17.84 -21.33
O7 NAG L . -23.58 20.39 -15.12
O2 PEG M . -32.63 12.23 -6.15
C3 PEG M . -33.20 11.94 -7.43
C4 PEG M . -32.88 13.07 -8.39
O4 PEG M . -33.19 12.65 -9.72
C1 PEG N . -13.16 22.39 1.26
O1 PEG N . -12.65 22.41 2.61
C2 PEG N . -12.50 21.26 0.49
O2 PEG N . -12.29 21.67 -0.86
C1 NAG O . 11.71 -14.44 32.89
C2 NAG O . 11.54 -15.81 33.60
C3 NAG O . 12.80 -16.35 34.28
C4 NAG O . 14.03 -16.16 33.39
C5 NAG O . 14.07 -14.68 33.02
C6 NAG O . 15.44 -14.22 32.45
C7 NAG O . 9.58 -16.60 34.85
C8 NAG O . 8.57 -16.27 35.91
N2 NAG O . 10.49 -15.66 34.60
O3 NAG O . 12.68 -17.73 34.59
O4 NAG O . 15.18 -16.59 34.10
O5 NAG O . 12.95 -14.41 32.18
O6 NAG O . 16.21 -15.28 31.93
O7 NAG O . 9.55 -17.69 34.26
O2 PEG P . -5.62 -6.87 11.91
C3 PEG P . -6.06 -7.74 10.88
C4 PEG P . -7.59 -7.81 10.85
O4 PEG P . -8.14 -6.48 10.80
C1 PEG Q . -11.88 -8.54 27.96
O1 PEG Q . -10.65 -9.19 27.60
C2 PEG Q . -12.60 -8.08 26.70
O2 PEG Q . -13.51 -7.03 27.03
O2 PEG R . -4.83 3.10 38.64
C3 PEG R . -6.04 3.86 38.66
C4 PEG R . -6.59 3.97 40.08
O4 PEG R . -7.93 4.48 40.01
#